data_5FIY
#
_entry.id   5FIY
#
_cell.length_a   114.990
_cell.length_b   114.990
_cell.length_c   121.810
_cell.angle_alpha   90.00
_cell.angle_beta   90.00
_cell.angle_gamma   90.00
#
_symmetry.space_group_name_H-M   'P 43 21 2'
#
loop_
_entity.id
_entity.type
_entity.pdbx_description
1 polymer 'PRKC APOPTOSIS WT1 REGULATOR PROTEIN'
2 non-polymer 'POTASSIUM ION'
3 water water
#
_entity_poly.entity_id   1
_entity_poly.type   'polypeptide(L)'
_entity_poly.pdbx_seq_one_letter_code
;ASWSHPQFEKAGFSRHNRDTSAPANFASSSTLEKRIEDLEKEVLRERQENLRLTRL(MSE)QDKEE(MSE)IGKLKEEID
LLNRDLDD(MSE)EDENEQLKQENKTLLKVVGQLTR
;
_entity_poly.pdbx_strand_id   A,B,C,D,E,F,G
#
# COMPACT_ATOMS: atom_id res chain seq x y z
N PHE A 26 -67.37 -15.22 18.23
CA PHE A 26 -67.25 -16.41 19.08
C PHE A 26 -66.45 -17.51 18.39
N ALA A 27 -65.66 -18.24 19.17
CA ALA A 27 -64.86 -19.33 18.63
C ALA A 27 -64.97 -20.59 19.49
N SER A 28 -65.01 -21.73 18.82
CA SER A 28 -65.18 -23.03 19.47
C SER A 28 -64.04 -23.30 20.43
N SER A 29 -64.29 -24.08 21.47
CA SER A 29 -63.23 -24.40 22.41
C SER A 29 -62.16 -25.14 21.61
N SER A 30 -62.60 -25.95 20.64
CA SER A 30 -61.69 -26.68 19.77
C SER A 30 -60.91 -25.75 18.86
N THR A 31 -61.61 -24.77 18.29
CA THR A 31 -60.99 -23.79 17.41
C THR A 31 -59.88 -23.03 18.13
N LEU A 32 -60.18 -22.58 19.34
CA LEU A 32 -59.22 -21.91 20.20
C LEU A 32 -58.06 -22.86 20.50
N GLU A 33 -58.39 -24.12 20.77
CA GLU A 33 -57.38 -25.12 21.09
C GLU A 33 -56.39 -25.28 19.93
N LYS A 34 -56.91 -25.21 18.70
CA LYS A 34 -56.04 -25.33 17.54
C LYS A 34 -55.23 -24.07 17.30
N ARG A 35 -55.82 -22.89 17.49
CA ARG A 35 -55.04 -21.66 17.37
C ARG A 35 -53.86 -21.72 18.34
N ILE A 36 -54.13 -22.22 19.54
CA ILE A 36 -53.09 -22.40 20.56
C ILE A 36 -52.02 -23.40 20.10
N GLU A 37 -52.49 -24.52 19.54
CA GLU A 37 -51.60 -25.57 19.00
C GLU A 37 -50.62 -24.99 17.97
N ASP A 38 -51.20 -24.26 17.02
CA ASP A 38 -50.50 -23.64 15.92
C ASP A 38 -49.49 -22.62 16.40
N LEU A 39 -49.92 -21.74 17.28
CA LEU A 39 -49.04 -20.73 17.85
C LEU A 39 -47.89 -21.34 18.60
N GLU A 40 -48.14 -22.44 19.31
CA GLU A 40 -47.07 -23.09 20.06
C GLU A 40 -46.04 -23.70 19.11
N LYS A 41 -46.53 -24.35 18.06
CA LYS A 41 -45.63 -24.81 16.99
C LYS A 41 -44.79 -23.66 16.42
N GLU A 42 -45.43 -22.52 16.18
CA GLU A 42 -44.75 -21.35 15.66
C GLU A 42 -43.63 -20.87 16.58
N VAL A 43 -43.94 -20.72 17.86
CA VAL A 43 -42.94 -20.31 18.82
C VAL A 43 -41.76 -21.28 18.82
N LEU A 44 -42.04 -22.58 18.90
CA LEU A 44 -40.96 -23.57 18.88
C LEU A 44 -40.07 -23.41 17.62
N ARG A 45 -40.72 -23.21 16.48
CA ARG A 45 -40.02 -23.02 15.20
C ARG A 45 -39.09 -21.82 15.24
N GLU A 46 -39.63 -20.67 15.68
N GLU A 46 -39.63 -20.66 15.63
CA GLU A 46 -38.88 -19.43 15.68
CA GLU A 46 -38.86 -19.43 15.64
C GLU A 46 -37.73 -19.50 16.67
C GLU A 46 -37.73 -19.50 16.66
N ARG A 47 -37.94 -20.25 17.74
CA ARG A 47 -36.90 -20.45 18.74
C ARG A 47 -35.76 -21.28 18.16
N GLN A 48 -36.11 -22.31 17.40
CA GLN A 48 -35.11 -23.12 16.72
C GLN A 48 -34.29 -22.23 15.80
N GLU A 49 -35.00 -21.39 15.03
CA GLU A 49 -34.33 -20.49 14.10
C GLU A 49 -33.37 -19.52 14.79
N ASN A 50 -33.80 -18.92 15.90
CA ASN A 50 -32.93 -18.03 16.64
C ASN A 50 -31.74 -18.76 17.25
N LEU A 51 -31.92 -20.03 17.58
CA LEU A 51 -30.80 -20.83 18.06
C LEU A 51 -29.75 -20.97 16.96
N ARG A 52 -30.26 -21.31 15.77
CA ARG A 52 -29.43 -21.41 14.58
C ARG A 52 -28.64 -20.13 14.34
N LEU A 53 -29.35 -19.02 14.30
CA LEU A 53 -28.73 -17.72 14.13
C LEU A 53 -27.70 -17.41 15.22
N THR A 54 -27.99 -17.80 16.45
CA THR A 54 -27.07 -17.54 17.55
C THR A 54 -25.75 -18.25 17.34
N ARG A 55 -25.84 -19.53 16.96
CA ARG A 55 -24.63 -20.32 16.77
C ARG A 55 -23.83 -19.80 15.57
N LEU A 56 -24.54 -19.49 14.49
CA LEU A 56 -23.94 -18.91 13.29
C LEU A 56 -23.20 -17.60 13.63
N GLN A 58 -21.94 -16.81 16.67
CA GLN A 58 -20.72 -17.16 17.40
C GLN A 58 -19.61 -17.53 16.42
N ASP A 59 -19.98 -18.27 15.37
CA ASP A 59 -19.04 -18.54 14.29
C ASP A 59 -18.48 -17.25 13.68
N LYS A 60 -19.35 -16.37 13.19
CA LYS A 60 -18.89 -15.11 12.60
C LYS A 60 -17.94 -14.34 13.52
N GLU A 61 -18.22 -14.32 14.82
CA GLU A 61 -17.34 -13.63 15.77
C GLU A 61 -15.98 -14.29 15.90
N GLU A 62 -15.95 -15.63 15.97
CA GLU A 62 -14.67 -16.33 15.98
C GLU A 62 -13.85 -15.98 14.74
N ILE A 64 -14.08 -13.41 12.73
CA ILE A 64 -13.61 -12.05 12.89
C ILE A 64 -12.37 -11.98 13.77
N GLY A 65 -12.39 -12.70 14.88
CA GLY A 65 -11.25 -12.74 15.78
C GLY A 65 -9.98 -13.18 15.07
N LYS A 66 -10.05 -14.34 14.42
CA LYS A 66 -8.90 -14.85 13.67
C LYS A 66 -8.42 -13.87 12.60
N LEU A 67 -9.36 -13.29 11.85
CA LEU A 67 -9.01 -12.31 10.82
C LEU A 67 -8.26 -11.11 11.39
N LYS A 68 -8.74 -10.60 12.52
CA LYS A 68 -8.10 -9.45 13.17
C LYS A 68 -6.70 -9.81 13.64
N GLU A 69 -6.56 -11.02 14.18
CA GLU A 69 -5.26 -11.54 14.60
C GLU A 69 -4.27 -11.62 13.43
N GLU A 70 -4.74 -12.16 12.31
CA GLU A 70 -3.98 -12.22 11.08
C GLU A 70 -3.53 -10.83 10.65
N ILE A 71 -4.43 -9.87 10.79
CA ILE A 71 -4.12 -8.48 10.48
C ILE A 71 -2.99 -8.01 11.39
N ASP A 72 -3.03 -8.41 12.65
CA ASP A 72 -1.97 -8.05 13.60
C ASP A 72 -0.61 -8.61 13.18
N LEU A 73 -0.58 -9.89 12.82
CA LEU A 73 0.65 -10.51 12.34
C LEU A 73 1.19 -9.84 11.08
N LEU A 74 0.32 -9.61 10.11
CA LEU A 74 0.73 -8.95 8.87
C LEU A 74 1.27 -7.55 9.13
N ASN A 75 0.65 -6.80 10.03
CA ASN A 75 1.16 -5.47 10.36
C ASN A 75 2.51 -5.52 11.07
N ARG A 76 2.71 -6.55 11.90
CA ARG A 76 4.03 -6.75 12.52
C ARG A 76 5.08 -7.03 11.44
N ASP A 77 4.75 -7.93 10.52
CA ASP A 77 5.63 -8.25 9.39
C ASP A 77 5.96 -7.02 8.56
N LEU A 78 4.96 -6.16 8.33
CA LEU A 78 5.17 -4.95 7.54
C LEU A 78 6.07 -4.00 8.31
N ASP A 79 5.96 -3.98 9.63
CA ASP A 79 6.86 -3.16 10.45
C ASP A 79 8.31 -3.67 10.33
N ASP A 80 8.48 -4.99 10.43
CA ASP A 80 9.78 -5.62 10.28
C ASP A 80 10.41 -5.27 8.93
N GLU A 82 9.69 -2.73 7.17
CA GLU A 82 9.99 -1.30 7.18
C GLU A 82 11.36 -1.01 7.79
N ASP A 83 11.62 -1.65 8.94
CA ASP A 83 12.92 -1.49 9.59
C ASP A 83 14.05 -1.99 8.69
N GLU A 84 13.91 -3.21 8.18
CA GLU A 84 14.90 -3.75 7.26
C GLU A 84 15.13 -2.83 6.06
N ASN A 85 14.05 -2.23 5.57
CA ASN A 85 14.10 -1.31 4.44
C ASN A 85 14.95 -0.10 4.78
N GLU A 86 14.71 0.47 5.96
CA GLU A 86 15.49 1.63 6.37
C GLU A 86 16.97 1.28 6.56
N GLN A 87 17.23 0.13 7.16
CA GLN A 87 18.61 -0.32 7.36
C GLN A 87 19.34 -0.47 6.04
N LEU A 88 18.67 -1.13 5.09
CA LEU A 88 19.24 -1.28 3.76
C LEU A 88 19.45 0.08 3.08
N LYS A 89 18.58 1.05 3.37
CA LYS A 89 18.75 2.36 2.74
C LYS A 89 19.91 3.17 3.31
N GLN A 90 20.08 3.13 4.64
CA GLN A 90 21.21 3.83 5.24
C GLN A 90 22.51 3.14 4.85
N GLU A 91 22.50 1.81 4.82
CA GLU A 91 23.65 1.04 4.37
C GLU A 91 24.02 1.42 2.94
N ASN A 92 22.99 1.55 2.12
CA ASN A 92 23.14 1.97 0.73
C ASN A 92 23.77 3.35 0.62
N LYS A 93 23.31 4.28 1.46
CA LYS A 93 23.81 5.65 1.48
C LYS A 93 25.28 5.70 1.91
N THR A 94 25.62 4.91 2.93
CA THR A 94 26.99 4.81 3.39
C THR A 94 27.88 4.30 2.27
N LEU A 95 27.46 3.22 1.61
CA LEU A 95 28.25 2.68 0.51
C LEU A 95 28.45 3.69 -0.62
N LEU A 96 27.40 4.45 -0.93
CA LEU A 96 27.50 5.49 -1.95
C LEU A 96 28.54 6.53 -1.55
N LYS A 97 28.49 6.93 -0.28
CA LYS A 97 29.45 7.89 0.27
C LYS A 97 30.89 7.37 0.16
N VAL A 98 31.09 6.10 0.50
CA VAL A 98 32.40 5.46 0.41
C VAL A 98 32.91 5.50 -1.02
N VAL A 99 32.04 5.16 -1.96
CA VAL A 99 32.43 5.19 -3.37
C VAL A 99 32.82 6.61 -3.75
N GLY A 100 32.10 7.58 -3.21
CA GLY A 100 32.40 8.99 -3.45
C GLY A 100 33.77 9.41 -2.94
N GLN A 101 34.12 8.97 -1.73
CA GLN A 101 35.43 9.30 -1.17
C GLN A 101 36.58 8.59 -1.84
N LEU A 102 36.38 7.34 -2.27
CA LEU A 102 37.46 6.64 -2.95
C LEU A 102 37.68 7.32 -4.31
N THR A 103 36.80 7.06 -5.25
CA THR A 103 36.89 7.70 -6.55
C THR A 103 35.90 8.85 -6.67
N ALA B 27 -61.57 -26.64 29.94
CA ALA B 27 -60.89 -25.48 29.40
C ALA B 27 -61.86 -24.35 29.11
N SER B 28 -61.77 -23.27 29.88
CA SER B 28 -62.70 -22.16 29.74
C SER B 28 -62.22 -21.26 28.60
N SER B 29 -63.18 -20.68 27.89
CA SER B 29 -62.89 -19.84 26.73
C SER B 29 -62.05 -18.61 27.08
N SER B 30 -62.22 -18.07 28.28
CA SER B 30 -61.44 -16.91 28.70
C SER B 30 -59.97 -17.28 28.84
N THR B 31 -59.71 -18.41 29.50
CA THR B 31 -58.34 -18.91 29.67
C THR B 31 -57.71 -19.19 28.31
N LEU B 32 -58.44 -19.84 27.41
CA LEU B 32 -57.96 -20.12 26.07
C LEU B 32 -57.63 -18.84 25.29
N GLU B 33 -58.55 -17.86 25.36
CA GLU B 33 -58.36 -16.60 24.66
C GLU B 33 -57.14 -15.86 25.19
N LYS B 34 -56.91 -15.98 26.49
CA LYS B 34 -55.73 -15.33 27.07
C LYS B 34 -54.46 -16.06 26.65
N ARG B 35 -54.52 -17.39 26.61
CA ARG B 35 -53.40 -18.19 26.12
C ARG B 35 -53.01 -17.75 24.72
N ILE B 36 -54.03 -17.55 23.88
CA ILE B 36 -53.79 -17.07 22.53
C ILE B 36 -53.16 -15.68 22.52
N GLU B 37 -53.69 -14.79 23.35
CA GLU B 37 -53.15 -13.43 23.44
C GLU B 37 -51.66 -13.46 23.80
N ASP B 38 -51.34 -14.23 24.83
CA ASP B 38 -49.99 -14.37 25.35
C ASP B 38 -49.03 -14.96 24.32
N LEU B 39 -49.45 -16.05 23.69
CA LEU B 39 -48.64 -16.69 22.67
C LEU B 39 -48.40 -15.78 21.48
N GLU B 40 -49.39 -14.99 21.11
CA GLU B 40 -49.23 -14.06 19.98
C GLU B 40 -48.22 -12.97 20.33
N LYS B 41 -48.32 -12.46 21.57
CA LYS B 41 -47.31 -11.52 22.07
C LYS B 41 -45.90 -12.14 21.96
N GLU B 42 -45.81 -13.39 22.37
CA GLU B 42 -44.55 -14.14 22.35
C GLU B 42 -43.99 -14.22 20.93
N VAL B 43 -44.83 -14.62 20.00
CA VAL B 43 -44.42 -14.71 18.60
C VAL B 43 -43.88 -13.37 18.12
N LEU B 44 -44.62 -12.29 18.39
CA LEU B 44 -44.15 -10.95 17.98
C LEU B 44 -42.77 -10.63 18.56
N ARG B 45 -42.60 -10.95 19.86
CA ARG B 45 -41.34 -10.71 20.54
C ARG B 45 -40.17 -11.45 19.88
N GLU B 46 -40.38 -12.73 19.65
N GLU B 46 -40.35 -12.74 19.69
CA GLU B 46 -39.32 -13.58 19.13
CA GLU B 46 -39.29 -13.57 19.14
C GLU B 46 -39.01 -13.20 17.69
C GLU B 46 -38.99 -13.20 17.69
N ARG B 47 -40.00 -12.69 16.99
CA ARG B 47 -39.80 -12.21 15.63
C ARG B 47 -38.93 -10.95 15.67
N GLN B 48 -39.18 -10.08 16.65
CA GLN B 48 -38.34 -8.91 16.80
C GLN B 48 -36.89 -9.34 17.05
N GLU B 49 -36.71 -10.28 17.99
CA GLU B 49 -35.36 -10.73 18.33
C GLU B 49 -34.66 -11.33 17.12
N ASN B 50 -35.39 -12.12 16.34
CA ASN B 50 -34.84 -12.73 15.14
C ASN B 50 -34.45 -11.69 14.10
N LEU B 51 -35.22 -10.61 14.03
CA LEU B 51 -34.94 -9.55 13.10
C LEU B 51 -33.61 -8.90 13.49
N ARG B 52 -33.50 -8.64 14.79
CA ARG B 52 -32.28 -8.10 15.38
C ARG B 52 -31.06 -8.96 15.03
N LEU B 53 -31.17 -10.25 15.32
CA LEU B 53 -30.09 -11.19 15.03
C LEU B 53 -29.73 -11.23 13.56
N THR B 54 -30.73 -11.14 12.68
CA THR B 54 -30.49 -11.18 11.25
C THR B 54 -29.67 -9.97 10.81
N ARG B 55 -30.07 -8.80 11.30
CA ARG B 55 -29.36 -7.56 10.93
C ARG B 55 -27.93 -7.57 11.50
N LEU B 56 -27.79 -8.00 12.75
CA LEU B 56 -26.49 -8.13 13.38
C LEU B 56 -25.60 -9.07 12.56
N GLN B 58 -25.83 -9.63 9.35
CA GLN B 58 -25.35 -8.88 8.18
C GLN B 58 -24.17 -7.96 8.54
N ASP B 59 -24.25 -7.31 9.70
CA ASP B 59 -23.11 -6.51 10.18
C ASP B 59 -21.83 -7.34 10.26
N LYS B 60 -21.86 -8.42 11.04
CA LYS B 60 -20.71 -9.33 11.15
C LYS B 60 -20.18 -9.76 9.78
N GLU B 61 -21.09 -9.99 8.84
CA GLU B 61 -20.71 -10.42 7.49
C GLU B 61 -19.94 -9.33 6.75
N GLU B 62 -20.45 -8.10 6.86
CA GLU B 62 -19.79 -6.93 6.29
C GLU B 62 -18.39 -6.77 6.87
N ILE B 64 -16.49 -9.14 8.25
CA ILE B 64 -15.65 -10.19 7.69
C ILE B 64 -15.14 -9.79 6.31
N GLY B 65 -16.04 -9.28 5.47
CA GLY B 65 -15.63 -8.83 4.15
C GLY B 65 -14.53 -7.79 4.18
N LYS B 66 -14.77 -6.72 4.93
CA LYS B 66 -13.77 -5.66 5.09
C LYS B 66 -12.42 -6.17 5.62
N LEU B 67 -12.46 -7.00 6.64
CA LEU B 67 -11.23 -7.57 7.19
C LEU B 67 -10.46 -8.40 6.16
N LYS B 68 -11.18 -9.21 5.39
CA LYS B 68 -10.53 -10.03 4.35
C LYS B 68 -9.88 -9.15 3.29
N GLU B 69 -10.59 -8.09 2.90
CA GLU B 69 -10.03 -7.12 1.96
C GLU B 69 -8.75 -6.49 2.52
N GLU B 70 -8.82 -6.12 3.80
CA GLU B 70 -7.68 -5.54 4.50
C GLU B 70 -6.49 -6.51 4.49
N ILE B 71 -6.76 -7.79 4.68
CA ILE B 71 -5.71 -8.82 4.62
C ILE B 71 -5.08 -8.87 3.24
N ASP B 72 -5.91 -8.80 2.21
CA ASP B 72 -5.39 -8.83 0.84
C ASP B 72 -4.50 -7.61 0.55
N LEU B 73 -4.96 -6.44 0.99
CA LEU B 73 -4.18 -5.21 0.87
C LEU B 73 -2.84 -5.32 1.60
N LEU B 74 -2.88 -5.81 2.83
CA LEU B 74 -1.66 -5.99 3.61
C LEU B 74 -0.69 -6.94 2.91
N ASN B 75 -1.20 -8.01 2.30
CA ASN B 75 -0.32 -8.91 1.57
C ASN B 75 0.28 -8.27 0.30
N ARG B 76 -0.49 -7.42 -0.37
CA ARG B 76 0.08 -6.69 -1.50
C ARG B 76 1.19 -5.74 -1.04
N ASP B 77 0.93 -5.01 0.05
CA ASP B 77 1.95 -4.16 0.65
C ASP B 77 3.21 -4.92 1.05
N LEU B 78 3.01 -6.12 1.59
CA LEU B 78 4.09 -6.99 2.03
C LEU B 78 4.93 -7.46 0.85
N ASP B 79 4.23 -7.75 -0.25
CA ASP B 79 4.91 -8.15 -1.48
C ASP B 79 5.76 -7.00 -2.02
N ASP B 80 5.15 -5.81 -2.05
CA ASP B 80 5.87 -4.60 -2.46
C ASP B 80 7.13 -4.35 -1.64
N GLU B 82 8.85 -6.66 0.08
CA GLU B 82 9.80 -7.71 -0.29
C GLU B 82 10.56 -7.34 -1.56
N ASP B 83 9.84 -6.85 -2.57
CA ASP B 83 10.49 -6.42 -3.81
C ASP B 83 11.45 -5.25 -3.63
N GLU B 84 10.99 -4.15 -3.03
CA GLU B 84 11.86 -3.00 -2.80
C GLU B 84 13.14 -3.38 -2.05
N ASN B 85 12.99 -4.22 -1.02
CA ASN B 85 14.15 -4.69 -0.27
C ASN B 85 15.08 -5.57 -1.07
N GLU B 86 14.54 -6.50 -1.85
CA GLU B 86 15.41 -7.37 -2.64
C GLU B 86 16.21 -6.52 -3.63
N GLN B 87 15.54 -5.52 -4.20
CA GLN B 87 16.20 -4.59 -5.11
C GLN B 87 17.33 -3.83 -4.41
N LEU B 88 17.05 -3.32 -3.20
CA LEU B 88 18.08 -2.64 -2.44
C LEU B 88 19.26 -3.55 -2.07
N LYS B 89 18.97 -4.84 -1.88
CA LYS B 89 20.03 -5.77 -1.53
C LYS B 89 20.90 -6.00 -2.74
N GLN B 90 20.30 -6.06 -3.92
CA GLN B 90 21.12 -6.20 -5.11
C GLN B 90 21.95 -4.94 -5.39
N GLU B 91 21.36 -3.76 -5.20
N GLU B 91 21.35 -3.76 -5.19
CA GLU B 91 22.12 -2.53 -5.36
CA GLU B 91 22.12 -2.53 -5.33
C GLU B 91 23.30 -2.47 -4.37
C GLU B 91 23.31 -2.55 -4.38
N ASN B 92 23.06 -2.87 -3.12
CA ASN B 92 24.13 -2.95 -2.12
C ASN B 92 25.21 -3.94 -2.53
N LYS B 93 24.79 -5.06 -3.10
CA LYS B 93 25.71 -6.09 -3.54
C LYS B 93 26.63 -5.51 -4.62
N THR B 94 26.01 -4.77 -5.54
CA THR B 94 26.76 -4.10 -6.60
C THR B 94 27.76 -3.06 -6.06
N LEU B 95 27.28 -2.15 -5.21
CA LEU B 95 28.12 -1.09 -4.65
C LEU B 95 29.27 -1.65 -3.82
N LEU B 96 28.98 -2.68 -3.05
CA LEU B 96 29.97 -3.37 -2.25
C LEU B 96 31.02 -4.00 -3.16
N LYS B 97 30.56 -4.60 -4.25
CA LYS B 97 31.44 -5.21 -5.23
C LYS B 97 32.39 -4.15 -5.81
N VAL B 98 31.82 -2.99 -6.14
CA VAL B 98 32.58 -1.86 -6.67
C VAL B 98 33.65 -1.38 -5.71
N VAL B 99 33.26 -1.22 -4.46
CA VAL B 99 34.20 -0.78 -3.43
C VAL B 99 35.31 -1.81 -3.29
N GLY B 100 34.92 -3.08 -3.43
CA GLY B 100 35.86 -4.19 -3.36
C GLY B 100 36.88 -4.06 -4.46
N GLN B 101 36.44 -3.61 -5.64
CA GLN B 101 37.37 -3.41 -6.74
C GLN B 101 38.29 -2.20 -6.50
N LEU B 102 37.75 -1.15 -5.91
CA LEU B 102 38.54 0.06 -5.63
C LEU B 102 39.51 -0.12 -4.45
N THR B 103 39.46 -1.27 -3.80
CA THR B 103 40.34 -1.58 -2.68
C THR B 103 41.49 -2.51 -3.07
N ARG B 104 41.18 -3.52 -3.89
CA ARG B 104 42.19 -4.45 -4.40
C ARG B 104 43.21 -3.76 -5.29
N PHE C 26 54.59 -46.00 -38.20
CA PHE C 26 54.67 -45.93 -36.75
C PHE C 26 54.16 -44.59 -36.23
N ALA C 27 54.68 -44.18 -35.09
CA ALA C 27 54.28 -42.94 -34.42
C ALA C 27 55.52 -42.14 -33.99
N SER C 28 55.71 -40.96 -34.57
CA SER C 28 56.94 -40.21 -34.29
C SER C 28 56.82 -39.46 -32.97
N SER C 29 57.95 -39.35 -32.26
CA SER C 29 57.97 -38.71 -30.95
C SER C 29 57.63 -37.22 -31.00
N SER C 30 58.12 -36.55 -32.03
CA SER C 30 57.87 -35.12 -32.20
C SER C 30 56.40 -34.93 -32.53
N THR C 31 55.91 -35.77 -33.44
CA THR C 31 54.52 -35.76 -33.85
C THR C 31 53.59 -36.00 -32.66
N LEU C 32 53.92 -37.01 -31.85
CA LEU C 32 53.13 -37.30 -30.65
C LEU C 32 53.13 -36.16 -29.64
N GLU C 33 54.31 -35.61 -29.34
CA GLU C 33 54.36 -34.51 -28.37
C GLU C 33 53.60 -33.28 -28.87
N LYS C 34 53.64 -33.03 -30.18
CA LYS C 34 52.91 -31.88 -30.71
C LYS C 34 51.41 -32.14 -30.67
N ARG C 35 51.00 -33.37 -30.98
CA ARG C 35 49.59 -33.76 -30.85
C ARG C 35 49.13 -33.50 -29.42
N ILE C 36 49.99 -33.84 -28.45
CA ILE C 36 49.69 -33.59 -27.05
C ILE C 36 49.52 -32.10 -26.76
N GLU C 37 50.45 -31.29 -27.25
CA GLU C 37 50.36 -29.84 -27.07
C GLU C 37 49.05 -29.28 -27.61
N ASP C 38 48.73 -29.69 -28.83
CA ASP C 38 47.55 -29.22 -29.53
C ASP C 38 46.28 -29.60 -28.76
N LEU C 39 46.21 -30.86 -28.34
CA LEU C 39 45.07 -31.33 -27.57
C LEU C 39 44.92 -30.61 -26.23
N GLU C 40 46.03 -30.29 -25.59
CA GLU C 40 45.98 -29.58 -24.31
C GLU C 40 45.44 -28.17 -24.52
N LYS C 41 45.94 -27.51 -25.57
CA LYS C 41 45.39 -26.23 -25.98
C LYS C 41 43.88 -26.31 -26.22
N GLU C 42 43.46 -27.37 -26.91
CA GLU C 42 42.06 -27.60 -27.23
C GLU C 42 41.22 -27.67 -25.96
N VAL C 43 41.68 -28.49 -25.02
CA VAL C 43 40.98 -28.63 -23.75
C VAL C 43 40.82 -27.27 -23.10
N LEU C 44 41.91 -26.52 -23.01
CA LEU C 44 41.83 -25.19 -22.40
C LEU C 44 40.81 -24.27 -23.10
N ARG C 45 40.81 -24.29 -24.42
CA ARG C 45 39.88 -23.48 -25.22
C ARG C 45 38.44 -23.82 -24.89
N GLU C 46 38.13 -25.11 -24.90
N GLU C 46 38.11 -25.10 -24.93
CA GLU C 46 36.77 -25.57 -24.69
CA GLU C 46 36.74 -25.54 -24.68
C GLU C 46 36.34 -25.28 -23.25
C GLU C 46 36.33 -25.29 -23.24
N ARG C 47 37.31 -25.28 -22.33
CA ARG C 47 37.03 -24.95 -20.93
C ARG C 47 36.65 -23.47 -20.79
N GLN C 48 37.39 -22.62 -21.50
CA GLN C 48 37.09 -21.19 -21.52
C GLN C 48 35.67 -20.97 -22.06
N GLU C 49 35.37 -21.61 -23.19
CA GLU C 49 34.06 -21.49 -23.81
C GLU C 49 32.96 -21.97 -22.86
N ASN C 50 33.22 -23.06 -22.15
CA ASN C 50 32.26 -23.58 -21.19
C ASN C 50 32.00 -22.63 -20.04
N LEU C 51 33.05 -21.92 -19.62
CA LEU C 51 32.91 -20.95 -18.55
C LEU C 51 32.00 -19.82 -19.05
N ARG C 52 32.28 -19.38 -20.28
CA ARG C 52 31.46 -18.36 -20.95
C ARG C 52 29.98 -18.75 -20.96
N LEU C 53 29.69 -19.95 -21.48
CA LEU C 53 28.32 -20.45 -21.52
C LEU C 53 27.69 -20.53 -20.13
N THR C 54 28.48 -20.88 -19.13
CA THR C 54 27.95 -20.96 -17.76
C THR C 54 27.49 -19.60 -17.26
N ARG C 55 28.33 -18.58 -17.46
CA ARG C 55 27.98 -17.25 -16.98
C ARG C 55 26.79 -16.69 -17.76
N LEU C 56 26.80 -16.90 -19.08
CA LEU C 56 25.66 -16.50 -19.92
C LEU C 56 24.37 -17.17 -19.45
N GLN C 58 23.78 -18.06 -16.32
CA GLN C 58 23.40 -17.29 -15.14
C GLN C 58 22.63 -16.02 -15.54
N ASP C 59 23.10 -15.35 -16.59
CA ASP C 59 22.37 -14.20 -17.13
C ASP C 59 20.94 -14.54 -17.53
N LYS C 60 20.79 -15.48 -18.46
CA LYS C 60 19.45 -15.87 -18.92
C LYS C 60 18.52 -16.22 -17.76
N GLU C 61 19.05 -16.93 -16.76
CA GLU C 61 18.23 -17.28 -15.61
C GLU C 61 17.81 -16.07 -14.79
N GLU C 62 18.75 -15.14 -14.58
CA GLU C 62 18.39 -13.89 -13.89
C GLU C 62 17.31 -13.14 -14.66
N ILE C 64 15.01 -14.56 -16.53
CA ILE C 64 13.80 -15.30 -16.20
C ILE C 64 13.22 -14.82 -14.87
N GLY C 65 14.09 -14.66 -13.88
CA GLY C 65 13.66 -14.16 -12.58
C GLY C 65 13.01 -12.79 -12.62
N LYS C 66 13.71 -11.82 -13.22
CA LYS C 66 13.18 -10.47 -13.35
C LYS C 66 11.83 -10.45 -14.07
N LEU C 67 11.74 -11.18 -15.17
CA LEU C 67 10.48 -11.30 -15.90
C LEU C 67 9.35 -11.89 -15.06
N LYS C 68 9.65 -12.94 -14.29
CA LYS C 68 8.63 -13.56 -13.45
C LYS C 68 8.12 -12.58 -12.39
N GLU C 69 9.06 -11.83 -11.82
CA GLU C 69 8.74 -10.79 -10.85
C GLU C 69 7.84 -9.72 -11.47
N GLU C 70 8.19 -9.30 -12.69
CA GLU C 70 7.36 -8.37 -13.45
C GLU C 70 5.94 -8.91 -13.65
N ILE C 71 5.83 -10.20 -13.96
CA ILE C 71 4.52 -10.83 -14.13
C ILE C 71 3.70 -10.78 -12.85
N ASP C 72 4.34 -11.09 -11.73
CA ASP C 72 3.65 -11.06 -10.45
C ASP C 72 3.18 -9.65 -10.09
N LEU C 73 4.05 -8.67 -10.31
CA LEU C 73 3.68 -7.27 -10.10
C LEU C 73 2.48 -6.89 -10.96
N LEU C 74 2.51 -7.26 -12.24
CA LEU C 74 1.39 -6.99 -13.13
C LEU C 74 0.11 -7.62 -12.61
N ASN C 75 0.19 -8.82 -12.07
CA ASN C 75 -0.99 -9.45 -11.50
C ASN C 75 -1.50 -8.71 -10.25
N ARG C 76 -0.59 -8.13 -9.46
CA ARG C 76 -1.05 -7.29 -8.35
C ARG C 76 -1.78 -6.07 -8.86
N ASP C 77 -1.20 -5.42 -9.86
CA ASP C 77 -1.80 -4.25 -10.48
C ASP C 77 -3.20 -4.56 -11.01
N LEU C 78 -3.32 -5.74 -11.60
CA LEU C 78 -4.56 -6.22 -12.18
C LEU C 78 -5.58 -6.46 -11.07
N ASP C 79 -5.08 -6.94 -9.93
CA ASP C 79 -5.94 -7.13 -8.75
C ASP C 79 -6.47 -5.82 -8.20
N ASP C 80 -5.58 -4.83 -8.09
CA ASP C 80 -5.93 -3.49 -7.65
C ASP C 80 -7.03 -2.92 -8.54
N GLU C 82 -9.11 -4.55 -10.50
CA GLU C 82 -10.33 -5.34 -10.31
C GLU C 82 -11.10 -4.87 -9.07
N ASP C 83 -10.37 -4.62 -7.98
CA ASP C 83 -10.98 -4.13 -6.75
C ASP C 83 -11.63 -2.77 -6.93
N GLU C 84 -10.86 -1.80 -7.44
CA GLU C 84 -11.39 -0.46 -7.68
C GLU C 84 -12.64 -0.47 -8.57
N ASN C 85 -12.60 -1.26 -9.63
CA ASN C 85 -13.76 -1.35 -10.51
C ASN C 85 -14.97 -1.95 -9.80
N GLU C 86 -14.77 -3.03 -9.04
CA GLU C 86 -15.89 -3.65 -8.33
C GLU C 86 -16.52 -2.67 -7.34
N GLN C 87 -15.67 -1.93 -6.63
CA GLN C 87 -16.15 -0.93 -5.69
C GLN C 87 -16.95 0.15 -6.39
N LEU C 88 -16.42 0.65 -7.52
CA LEU C 88 -17.13 1.67 -8.28
C LEU C 88 -18.48 1.16 -8.77
N LYS C 89 -18.55 -0.14 -9.06
CA LYS C 89 -19.80 -0.72 -9.54
C LYS C 89 -20.82 -0.79 -8.41
N GLN C 90 -20.36 -1.13 -7.22
CA GLN C 90 -21.28 -1.19 -6.07
C GLN C 90 -21.79 0.22 -5.71
N GLU C 91 -20.87 1.17 -5.69
N GLU C 91 -20.87 1.18 -5.71
CA GLU C 91 -21.21 2.57 -5.41
CA GLU C 91 -21.19 2.57 -5.42
C GLU C 91 -22.19 3.14 -6.43
C GLU C 91 -22.19 3.12 -6.42
N ASN C 92 -21.95 2.86 -7.71
CA ASN C 92 -22.88 3.28 -8.75
C ASN C 92 -24.26 2.64 -8.63
N LYS C 93 -24.28 1.35 -8.26
CA LYS C 93 -25.58 0.68 -8.06
C LYS C 93 -26.34 1.39 -6.94
N THR C 94 -25.62 1.71 -5.87
CA THR C 94 -26.21 2.44 -4.74
C THR C 94 -26.76 3.81 -5.15
N LEU C 95 -25.94 4.61 -5.83
CA LEU C 95 -26.36 5.94 -6.26
C LEU C 95 -27.57 5.88 -7.18
N LEU C 96 -27.58 4.89 -8.05
CA LEU C 96 -28.73 4.67 -8.94
C LEU C 96 -29.99 4.37 -8.15
N LYS C 97 -29.89 3.48 -7.17
CA LYS C 97 -31.06 3.19 -6.34
C LYS C 97 -31.56 4.44 -5.60
N VAL C 98 -30.63 5.19 -5.03
CA VAL C 98 -30.98 6.42 -4.30
C VAL C 98 -31.71 7.39 -5.23
N VAL C 99 -31.18 7.59 -6.44
CA VAL C 99 -31.86 8.47 -7.39
C VAL C 99 -33.25 7.92 -7.69
N GLY C 100 -33.35 6.59 -7.74
CA GLY C 100 -34.61 5.93 -8.02
C GLY C 100 -35.68 6.22 -6.97
N GLN C 101 -35.30 6.21 -5.70
CA GLN C 101 -36.28 6.53 -4.65
C GLN C 101 -36.57 8.03 -4.65
N LEU C 102 -35.56 8.84 -4.97
CA LEU C 102 -35.68 10.30 -5.00
C LEU C 102 -36.55 10.87 -6.14
N THR C 103 -37.16 10.00 -6.94
CA THR C 103 -38.05 10.47 -8.00
C THR C 103 -39.50 10.42 -7.54
N SER D 28 58.32 -42.39 -23.87
CA SER D 28 58.03 -43.63 -24.59
C SER D 28 56.77 -43.47 -25.45
N SER D 29 56.70 -44.23 -26.54
CA SER D 29 55.57 -44.16 -27.45
C SER D 29 54.25 -44.57 -26.80
N SER D 30 54.30 -45.53 -25.88
CA SER D 30 53.08 -45.99 -25.22
C SER D 30 52.49 -44.94 -24.29
N THR D 31 53.36 -44.33 -23.47
CA THR D 31 52.94 -43.28 -22.56
C THR D 31 52.35 -42.08 -23.33
N LEU D 32 53.03 -41.65 -24.39
CA LEU D 32 52.54 -40.57 -25.22
C LEU D 32 51.20 -40.92 -25.89
N GLU D 33 51.09 -42.14 -26.41
CA GLU D 33 49.86 -42.58 -27.05
C GLU D 33 48.69 -42.59 -26.06
N LYS D 34 48.98 -42.96 -24.82
CA LYS D 34 47.94 -42.99 -23.80
C LYS D 34 47.55 -41.58 -23.37
N ARG D 35 48.54 -40.70 -23.25
CA ARG D 35 48.28 -39.29 -22.96
C ARG D 35 47.37 -38.68 -24.03
N ILE D 36 47.67 -38.97 -25.28
CA ILE D 36 46.86 -38.49 -26.40
C ILE D 36 45.44 -39.06 -26.34
N GLU D 37 45.33 -40.35 -26.08
CA GLU D 37 44.03 -41.00 -25.93
C GLU D 37 43.19 -40.31 -24.85
N ASP D 38 43.82 -40.06 -23.71
CA ASP D 38 43.18 -39.43 -22.56
C ASP D 38 42.71 -38.01 -22.87
N LEU D 39 43.60 -37.22 -23.47
CA LEU D 39 43.26 -35.85 -23.84
C LEU D 39 42.11 -35.83 -24.84
N GLU D 40 42.10 -36.79 -25.74
CA GLU D 40 41.02 -36.87 -26.73
C GLU D 40 39.68 -37.22 -26.07
N LYS D 41 39.72 -38.17 -25.13
CA LYS D 41 38.54 -38.47 -24.32
C LYS D 41 38.01 -37.21 -23.63
N GLU D 42 38.95 -36.44 -23.07
CA GLU D 42 38.61 -35.20 -22.37
C GLU D 42 37.91 -34.20 -23.30
N VAL D 43 38.50 -34.00 -24.47
CA VAL D 43 37.92 -33.10 -25.47
C VAL D 43 36.50 -33.53 -25.82
N LEU D 44 36.32 -34.84 -26.09
CA LEU D 44 34.99 -35.35 -26.41
C LEU D 44 34.00 -35.02 -25.29
N ARG D 45 34.45 -35.22 -24.06
CA ARG D 45 33.62 -34.97 -22.88
C ARG D 45 33.17 -33.50 -22.78
N GLU D 46 34.13 -32.59 -22.88
N GLU D 46 34.13 -32.59 -22.85
CA GLU D 46 33.84 -31.17 -22.71
CA GLU D 46 33.84 -31.17 -22.70
C GLU D 46 33.00 -30.65 -23.87
C GLU D 46 33.01 -30.65 -23.86
N ARG D 47 33.17 -31.27 -25.03
CA ARG D 47 32.36 -30.91 -26.20
C ARG D 47 30.92 -31.33 -25.94
N GLN D 48 30.76 -32.51 -25.35
CA GLN D 48 29.42 -32.97 -24.97
C GLN D 48 28.78 -31.97 -24.02
N GLU D 49 29.54 -31.57 -23.00
CA GLU D 49 29.01 -30.64 -22.01
C GLU D 49 28.61 -29.31 -22.62
N ASN D 50 29.45 -28.75 -23.48
CA ASN D 50 29.08 -27.50 -24.14
C ASN D 50 27.87 -27.66 -25.06
N LEU D 51 27.70 -28.84 -25.64
CA LEU D 51 26.50 -29.06 -26.45
C LEU D 51 25.26 -29.00 -25.57
N ARG D 52 25.35 -29.68 -24.44
CA ARG D 52 24.28 -29.66 -23.44
C ARG D 52 23.92 -28.23 -23.03
N LEU D 53 24.94 -27.47 -22.64
CA LEU D 53 24.75 -26.08 -22.25
C LEU D 53 24.13 -25.24 -23.37
N THR D 54 24.53 -25.51 -24.61
CA THR D 54 23.98 -24.76 -25.74
C THR D 54 22.47 -25.01 -25.87
N ARG D 55 22.09 -26.28 -25.79
CA ARG D 55 20.68 -26.62 -25.95
C ARG D 55 19.84 -26.07 -24.78
N LEU D 56 20.39 -26.20 -23.57
CA LEU D 56 19.77 -25.64 -22.37
C LEU D 56 19.55 -24.14 -22.53
N GLN D 58 19.20 -22.52 -25.33
CA GLN D 58 18.07 -22.34 -26.23
C GLN D 58 16.74 -22.48 -25.49
N ASP D 59 16.67 -23.45 -24.59
CA ASP D 59 15.50 -23.63 -23.72
C ASP D 59 15.16 -22.35 -22.96
N LYS D 60 16.13 -21.87 -22.17
CA LYS D 60 15.94 -20.64 -21.41
C LYS D 60 15.44 -19.50 -22.29
N GLU D 61 15.97 -19.42 -23.51
CA GLU D 61 15.57 -18.35 -24.41
C GLU D 61 14.11 -18.48 -24.83
N GLU D 62 13.67 -19.70 -25.15
CA GLU D 62 12.27 -19.92 -25.48
C GLU D 62 11.38 -19.51 -24.29
N ILE D 64 12.03 -17.33 -21.93
CA ILE D 64 12.05 -15.86 -21.91
C ILE D 64 11.03 -15.28 -22.89
N GLY D 65 11.02 -15.83 -24.11
CA GLY D 65 10.07 -15.40 -25.12
C GLY D 65 8.64 -15.52 -24.61
N LYS D 66 8.32 -16.72 -24.11
CA LYS D 66 6.99 -17.00 -23.56
C LYS D 66 6.59 -16.00 -22.47
N LEU D 67 7.49 -15.77 -21.53
CA LEU D 67 7.26 -14.83 -20.43
C LEU D 67 6.98 -13.43 -20.94
N LYS D 68 7.75 -12.98 -21.92
CA LYS D 68 7.55 -11.65 -22.49
C LYS D 68 6.16 -11.55 -23.13
N GLU D 69 5.78 -12.62 -23.82
CA GLU D 69 4.45 -12.70 -24.43
C GLU D 69 3.35 -12.56 -23.38
N GLU D 70 3.51 -13.32 -22.29
CA GLU D 70 2.60 -13.26 -21.16
C GLU D 70 2.48 -11.86 -20.57
N ILE D 71 3.62 -11.19 -20.45
CA ILE D 71 3.65 -9.82 -19.95
C ILE D 71 2.86 -8.90 -20.88
N ASP D 72 3.00 -9.10 -22.18
CA ASP D 72 2.26 -8.29 -23.15
C ASP D 72 0.74 -8.49 -22.99
N LEU D 73 0.34 -9.75 -22.86
CA LEU D 73 -1.08 -10.06 -22.61
C LEU D 73 -1.59 -9.39 -21.32
N LEU D 74 -0.81 -9.51 -20.26
CA LEU D 74 -1.16 -8.91 -18.97
C LEU D 74 -1.35 -7.40 -19.09
N ASN D 75 -0.47 -6.74 -19.85
CA ASN D 75 -0.62 -5.31 -20.05
C ASN D 75 -1.86 -4.97 -20.86
N ARG D 76 -2.23 -5.84 -21.79
CA ARG D 76 -3.50 -5.62 -22.51
C ARG D 76 -4.68 -5.70 -21.53
N ASP D 77 -4.68 -6.71 -20.67
CA ASP D 77 -5.71 -6.83 -19.63
C ASP D 77 -5.76 -5.60 -18.72
N LEU D 78 -4.59 -5.08 -18.36
CA LEU D 78 -4.50 -3.91 -17.48
C LEU D 78 -5.06 -2.67 -18.18
N ASP D 79 -4.83 -2.59 -19.48
CA ASP D 79 -5.37 -1.48 -20.27
C ASP D 79 -6.89 -1.54 -20.32
N ASP D 80 -7.43 -2.73 -20.59
CA ASP D 80 -8.87 -2.92 -20.57
C ASP D 80 -9.46 -2.47 -19.23
N GLU D 82 -8.19 -0.41 -17.05
CA GLU D 82 -8.08 1.04 -16.87
C GLU D 82 -9.16 1.82 -17.62
N ASP D 83 -9.41 1.43 -18.87
CA ASP D 83 -10.44 2.09 -19.67
C ASP D 83 -11.81 1.94 -18.99
N GLU D 84 -12.15 0.68 -18.66
CA GLU D 84 -13.40 0.41 -17.95
C GLU D 84 -13.49 1.25 -16.68
N ASN D 85 -12.35 1.41 -16.02
CA ASN D 85 -12.24 2.21 -14.80
C ASN D 85 -12.59 3.67 -15.02
N GLU D 86 -12.05 4.25 -16.08
CA GLU D 86 -12.33 5.65 -16.38
C GLU D 86 -13.81 5.86 -16.67
N GLN D 87 -14.37 4.95 -17.47
CA GLN D 87 -15.79 5.08 -17.79
C GLN D 87 -16.66 4.96 -16.52
N LEU D 88 -16.34 3.99 -15.67
CA LEU D 88 -17.07 3.85 -14.39
C LEU D 88 -16.91 5.09 -13.50
N LYS D 89 -15.78 5.77 -13.61
CA LYS D 89 -15.57 6.96 -12.81
C LYS D 89 -16.45 8.10 -13.33
N GLN D 90 -16.58 8.17 -14.65
CA GLN D 90 -17.42 9.21 -15.25
C GLN D 90 -18.89 8.98 -14.84
N GLU D 91 -19.30 7.72 -14.92
N GLU D 91 -19.32 7.73 -14.95
CA GLU D 91 -20.65 7.34 -14.53
CA GLU D 91 -20.66 7.35 -14.52
C GLU D 91 -20.89 7.68 -13.06
C GLU D 91 -20.89 7.70 -13.05
N ASN D 92 -19.89 7.42 -12.23
CA ASN D 92 -19.94 7.76 -10.80
C ASN D 92 -20.10 9.25 -10.52
N LYS D 93 -19.33 10.08 -11.21
CA LYS D 93 -19.43 11.53 -10.99
C LYS D 93 -20.77 12.07 -11.44
N THR D 94 -21.22 11.62 -12.61
CA THR D 94 -22.51 12.06 -13.13
C THR D 94 -23.63 11.69 -12.13
N LEU D 95 -23.63 10.43 -11.71
CA LEU D 95 -24.61 9.99 -10.72
C LEU D 95 -24.53 10.78 -9.41
N LEU D 96 -23.33 11.12 -8.99
CA LEU D 96 -23.15 11.92 -7.78
C LEU D 96 -23.83 13.27 -7.90
N LYS D 97 -23.59 13.94 -9.03
CA LYS D 97 -24.22 15.23 -9.30
C LYS D 97 -25.75 15.11 -9.29
N VAL D 98 -26.25 14.08 -9.97
CA VAL D 98 -27.68 13.83 -10.04
C VAL D 98 -28.30 13.61 -8.66
N VAL D 99 -27.66 12.79 -7.83
CA VAL D 99 -28.18 12.55 -6.48
C VAL D 99 -28.19 13.88 -5.74
N GLY D 100 -27.15 14.67 -5.97
CA GLY D 100 -27.03 15.97 -5.33
C GLY D 100 -28.10 16.99 -5.65
N GLN D 101 -28.51 17.06 -6.92
CA GLN D 101 -29.54 18.05 -7.28
C GLN D 101 -30.93 17.67 -6.75
N LEU D 102 -31.44 16.52 -7.16
CA LEU D 102 -32.72 16.02 -6.68
C LEU D 102 -32.58 15.45 -5.28
N THR D 103 -32.32 16.29 -4.28
CA THR D 103 -32.17 15.75 -2.92
C THR D 103 -33.38 15.91 -2.01
N ARG D 104 -33.85 17.14 -1.85
CA ARG D 104 -35.00 17.40 -0.98
C ARG D 104 -35.64 18.75 -1.28
N ALA E 27 -55.21 61.09 7.90
CA ALA E 27 -54.08 60.72 8.76
C ALA E 27 -54.58 60.07 10.05
N SER E 28 -54.31 58.77 10.19
CA SER E 28 -54.82 58.00 11.33
C SER E 28 -53.72 57.20 12.01
N SER E 29 -53.90 56.99 13.31
CA SER E 29 -52.94 56.26 14.15
C SER E 29 -52.75 54.81 13.71
N SER E 30 -53.79 54.20 13.18
CA SER E 30 -53.73 52.80 12.77
C SER E 30 -52.78 52.56 11.60
N THR E 31 -52.85 53.42 10.57
CA THR E 31 -51.94 53.30 9.44
C THR E 31 -50.49 53.45 9.89
N LEU E 32 -50.24 54.42 10.77
CA LEU E 32 -48.92 54.62 11.33
C LEU E 32 -48.45 53.36 12.07
N GLU E 33 -49.35 52.78 12.85
CA GLU E 33 -49.04 51.58 13.61
C GLU E 33 -48.69 50.44 12.66
N LYS E 34 -49.34 50.44 11.49
CA LYS E 34 -49.07 49.44 10.48
C LYS E 34 -47.72 49.66 9.81
N ARG E 35 -47.37 50.93 9.56
CA ARG E 35 -46.06 51.27 9.05
C ARG E 35 -45.00 50.73 10.01
N ILE E 36 -45.28 50.90 11.29
CA ILE E 36 -44.41 50.39 12.33
C ILE E 36 -44.30 48.86 12.25
N GLU E 37 -45.44 48.19 12.07
CA GLU E 37 -45.45 46.72 11.91
C GLU E 37 -44.57 46.28 10.74
N ASP E 38 -44.76 46.94 9.61
CA ASP E 38 -44.05 46.62 8.37
C ASP E 38 -42.55 46.78 8.56
N LEU E 39 -42.18 47.94 9.10
CA LEU E 39 -40.78 48.24 9.36
C LEU E 39 -40.14 47.26 10.33
N GLU E 40 -40.88 46.83 11.35
CA GLU E 40 -40.32 45.89 12.31
C GLU E 40 -40.10 44.52 11.65
N LYS E 41 -41.08 44.10 10.85
CA LYS E 41 -40.91 42.89 10.04
C LYS E 41 -39.64 43.01 9.17
N GLU E 42 -39.45 44.17 8.58
CA GLU E 42 -38.29 44.46 7.75
C GLU E 42 -36.97 44.31 8.53
N VAL E 43 -36.90 44.94 9.69
CA VAL E 43 -35.72 44.87 10.53
C VAL E 43 -35.42 43.41 10.85
N LEU E 44 -36.44 42.67 11.29
CA LEU E 44 -36.26 41.25 11.59
C LEU E 44 -35.70 40.44 10.41
N ARG E 45 -36.28 40.69 9.23
CA ARG E 45 -35.87 40.03 8.00
C ARG E 45 -34.39 40.28 7.72
N GLU E 46 -34.02 41.55 7.79
N GLU E 46 -34.01 41.55 7.77
CA GLU E 46 -32.66 41.97 7.46
CA GLU E 46 -32.65 41.94 7.44
C GLU E 46 -31.64 41.48 8.48
C GLU E 46 -31.63 41.49 8.48
N ARG E 47 -32.07 41.37 9.73
CA ARG E 47 -31.19 40.87 10.78
C ARG E 47 -30.93 39.41 10.51
N GLN E 48 -31.98 38.70 10.10
CA GLN E 48 -31.83 37.31 9.73
C GLN E 48 -30.83 37.16 8.58
N GLU E 49 -30.99 38.00 7.55
CA GLU E 49 -30.09 37.91 6.40
C GLU E 49 -28.65 38.19 6.80
N ASN E 50 -28.42 39.20 7.63
N ASN E 50 -28.48 39.19 7.65
CA ASN E 50 -27.07 39.47 8.08
CA ASN E 50 -27.19 39.56 8.23
C ASN E 50 -26.50 38.35 8.96
C ASN E 50 -26.55 38.39 8.95
N LEU E 51 -27.36 37.65 9.69
CA LEU E 51 -26.91 36.50 10.46
C LEU E 51 -26.40 35.43 9.50
N ARG E 52 -27.20 35.21 8.45
CA ARG E 52 -26.83 34.28 7.39
C ARG E 52 -25.47 34.62 6.80
N LEU E 53 -25.32 35.87 6.39
CA LEU E 53 -24.07 36.37 5.82
C LEU E 53 -22.90 36.21 6.78
N THR E 54 -23.15 36.43 8.06
CA THR E 54 -22.10 36.32 9.07
C THR E 54 -21.56 34.89 9.17
N ARG E 55 -22.50 33.94 9.24
CA ARG E 55 -22.09 32.55 9.37
C ARG E 55 -21.40 32.08 8.08
N LEU E 56 -21.95 32.49 6.94
CA LEU E 56 -21.38 32.19 5.63
C LEU E 56 -19.95 32.70 5.57
N GLN E 58 -17.97 33.16 8.18
CA GLN E 58 -17.14 32.28 9.01
C GLN E 58 -16.72 31.03 8.24
N ASP E 59 -17.66 30.46 7.48
CA ASP E 59 -17.34 29.34 6.59
C ASP E 59 -16.20 29.71 5.64
N LYS E 60 -16.39 30.79 4.88
CA LYS E 60 -15.36 31.26 3.95
C LYS E 60 -13.99 31.40 4.62
N GLU E 61 -13.99 31.91 5.85
CA GLU E 61 -12.75 32.12 6.60
C GLU E 61 -12.09 30.79 6.93
N GLU E 62 -12.90 29.82 7.34
CA GLU E 62 -12.38 28.48 7.58
C GLU E 62 -11.72 27.96 6.31
N ILE E 64 -10.46 29.55 3.76
CA ILE E 64 -9.17 30.22 3.58
C ILE E 64 -8.12 29.56 4.46
N GLY E 65 -8.47 29.29 5.72
CA GLY E 65 -7.55 28.63 6.62
C GLY E 65 -7.03 27.28 6.11
N LYS E 66 -7.97 26.40 5.77
CA LYS E 66 -7.63 25.09 5.23
C LYS E 66 -6.76 25.17 3.98
N LEU E 67 -7.15 26.05 3.06
CA LEU E 67 -6.34 26.23 1.84
C LEU E 67 -4.93 26.71 2.15
N LYS E 68 -4.78 27.66 3.05
CA LYS E 68 -3.44 28.15 3.40
C LYS E 68 -2.57 27.07 4.05
N GLU E 69 -3.18 26.31 4.95
CA GLU E 69 -2.48 25.20 5.60
C GLU E 69 -2.01 24.19 4.54
N GLU E 70 -2.91 23.90 3.61
CA GLU E 70 -2.61 23.04 2.48
C GLU E 70 -1.43 23.57 1.68
N ILE E 71 -1.39 24.89 1.46
CA ILE E 71 -0.29 25.51 0.74
C ILE E 71 1.04 25.32 1.47
N ASP E 72 1.04 25.51 2.79
CA ASP E 72 2.29 25.29 3.54
C ASP E 72 2.74 23.83 3.50
N LEU E 73 1.81 22.89 3.65
CA LEU E 73 2.17 21.48 3.51
C LEU E 73 2.76 21.16 2.13
N LEU E 74 2.11 21.65 1.08
CA LEU E 74 2.61 21.46 -0.27
C LEU E 74 4.02 22.04 -0.44
N ASN E 75 4.26 23.21 0.16
CA ASN E 75 5.58 23.80 0.10
C ASN E 75 6.62 22.97 0.84
N ARG E 76 6.20 22.33 1.93
CA ARG E 76 7.09 21.41 2.64
C ARG E 76 7.44 20.20 1.79
N ASP E 77 6.44 19.60 1.17
CA ASP E 77 6.66 18.48 0.26
C ASP E 77 7.61 18.87 -0.87
N LEU E 78 7.42 20.10 -1.37
CA LEU E 78 8.27 20.62 -2.44
C LEU E 78 9.71 20.80 -1.95
N ASP E 79 9.85 21.20 -0.68
CA ASP E 79 11.19 21.32 -0.09
C ASP E 79 11.87 19.97 0.04
N ASP E 80 11.14 18.98 0.55
CA ASP E 80 11.64 17.62 0.64
C ASP E 80 12.07 17.11 -0.73
N GLU E 82 13.08 19.02 -3.18
CA GLU E 82 14.32 19.73 -3.48
C GLU E 82 15.52 19.03 -2.85
N ASP E 83 15.38 18.62 -1.59
CA ASP E 83 16.44 17.92 -0.89
C ASP E 83 16.78 16.59 -1.55
N GLU E 84 15.77 15.77 -1.79
CA GLU E 84 15.97 14.50 -2.48
C GLU E 84 16.66 14.75 -3.83
N ASN E 85 16.28 15.83 -4.51
CA ASN E 85 16.94 16.17 -5.77
C ASN E 85 18.40 16.51 -5.62
N GLU E 86 18.73 17.36 -4.66
CA GLU E 86 20.13 17.72 -4.48
C GLU E 86 20.95 16.51 -4.07
N GLN E 87 20.40 15.64 -3.23
CA GLN E 87 21.12 14.42 -2.87
C GLN E 87 21.33 13.51 -4.09
N LEU E 88 20.29 13.33 -4.92
CA LEU E 88 20.44 12.55 -6.15
C LEU E 88 21.43 13.18 -7.12
N LYS E 89 21.53 14.51 -7.09
CA LYS E 89 22.43 15.28 -7.95
C LYS E 89 23.86 15.16 -7.46
N GLN E 90 24.02 15.08 -6.14
CA GLN E 90 25.30 14.87 -5.49
C GLN E 90 25.78 13.46 -5.79
N GLU E 91 24.84 12.53 -5.77
CA GLU E 91 25.06 11.13 -6.13
C GLU E 91 25.51 11.05 -7.59
N ASN E 92 24.82 11.82 -8.43
CA ASN E 92 25.13 11.93 -9.85
C ASN E 92 26.54 12.48 -10.02
N LYS E 93 26.87 13.44 -9.17
CA LYS E 93 28.19 14.06 -9.13
C LYS E 93 29.26 13.06 -8.72
N THR E 94 28.92 12.21 -7.75
CA THR E 94 29.82 11.15 -7.28
C THR E 94 30.13 10.15 -8.37
N LEU E 95 29.09 9.60 -8.99
CA LEU E 95 29.31 8.68 -10.09
C LEU E 95 30.02 9.40 -11.23
N LEU E 96 29.73 10.68 -11.44
CA LEU E 96 30.45 11.46 -12.45
C LEU E 96 31.93 11.59 -12.18
N LYS E 97 32.31 11.88 -10.94
CA LYS E 97 33.71 11.96 -10.56
C LYS E 97 34.38 10.60 -10.76
N VAL E 98 33.73 9.56 -10.28
CA VAL E 98 34.29 8.21 -10.39
C VAL E 98 34.51 7.78 -11.83
N VAL E 99 33.47 7.95 -12.64
CA VAL E 99 33.49 7.61 -14.05
C VAL E 99 34.46 8.47 -14.86
N GLY E 100 34.51 9.75 -14.54
CA GLY E 100 35.41 10.70 -15.18
C GLY E 100 36.86 10.39 -14.92
N GLN E 101 37.14 9.98 -13.68
CA GLN E 101 38.50 9.65 -13.27
C GLN E 101 39.00 8.35 -13.92
N LEU E 102 38.11 7.37 -14.07
CA LEU E 102 38.46 6.09 -14.71
C LEU E 102 38.65 6.17 -16.22
N THR E 103 38.46 7.37 -16.79
CA THR E 103 38.62 7.56 -18.23
C THR E 103 39.99 8.13 -18.58
N ARG E 104 40.43 9.11 -17.79
CA ARG E 104 41.74 9.71 -18.00
C ARG E 104 42.71 9.24 -16.93
N ALA F 27 38.88 22.82 18.70
CA ALA F 27 38.34 21.57 18.20
C ALA F 27 39.09 21.10 16.96
N SER F 28 38.96 19.82 16.64
CA SER F 28 39.64 19.25 15.48
C SER F 28 38.73 19.31 14.26
N SER F 29 39.10 18.57 13.22
CA SER F 29 38.34 18.57 11.98
C SER F 29 37.18 17.58 12.01
N SER F 30 37.39 16.43 12.62
CA SER F 30 36.36 15.39 12.70
C SER F 30 35.31 15.64 13.77
N THR F 31 35.65 16.45 14.77
CA THR F 31 34.70 16.79 15.83
C THR F 31 33.50 17.53 15.24
N LEU F 32 33.80 18.45 14.34
CA LEU F 32 32.79 19.24 13.66
C LEU F 32 31.93 18.34 12.79
N GLU F 33 32.58 17.39 12.11
CA GLU F 33 31.92 16.45 11.24
C GLU F 33 30.92 15.58 12.01
N LYS F 34 31.35 15.07 13.17
CA LYS F 34 30.50 14.29 14.03
C LYS F 34 29.32 15.09 14.57
N ARG F 35 29.62 16.30 15.04
CA ARG F 35 28.58 17.22 15.51
C ARG F 35 27.51 17.42 14.45
N ILE F 36 27.97 17.61 13.21
CA ILE F 36 27.08 17.80 12.07
C ILE F 36 26.23 16.55 11.79
N GLU F 37 26.86 15.37 11.80
CA GLU F 37 26.12 14.12 11.62
C GLU F 37 24.98 14.03 12.62
N ASP F 38 25.33 14.24 13.89
CA ASP F 38 24.37 14.16 14.99
C ASP F 38 23.22 15.16 14.80
N LEU F 39 23.57 16.42 14.60
CA LEU F 39 22.57 17.47 14.41
C LEU F 39 21.62 17.17 13.25
N GLU F 40 22.17 16.69 12.14
CA GLU F 40 21.36 16.34 10.99
C GLU F 40 20.39 15.20 11.31
N LYS F 41 20.90 14.16 11.97
CA LYS F 41 20.06 13.03 12.38
C LYS F 41 18.93 13.54 13.28
N GLU F 42 19.29 14.47 14.16
CA GLU F 42 18.34 15.13 15.06
C GLU F 42 17.24 15.86 14.28
N VAL F 43 17.65 16.56 13.22
CA VAL F 43 16.69 17.28 12.38
C VAL F 43 15.71 16.30 11.75
N LEU F 44 16.23 15.27 11.08
CA LEU F 44 15.37 14.29 10.43
C LEU F 44 14.43 13.59 11.42
N ARG F 45 14.96 13.32 12.60
CA ARG F 45 14.24 12.62 13.66
C ARG F 45 13.07 13.48 14.15
N GLU F 46 13.34 14.76 14.34
CA GLU F 46 12.32 15.71 14.78
C GLU F 46 11.28 16.00 13.70
N ARG F 47 11.71 16.07 12.45
CA ARG F 47 10.79 16.30 11.34
C ARG F 47 9.86 15.10 11.25
N GLN F 48 10.42 13.92 11.50
CA GLN F 48 9.65 12.69 11.51
C GLN F 48 8.60 12.71 12.62
N GLU F 49 9.01 13.10 13.81
CA GLU F 49 8.10 13.17 14.94
C GLU F 49 6.97 14.17 14.68
N ASN F 50 7.34 15.34 14.15
CA ASN F 50 6.38 16.37 13.77
C ASN F 50 5.40 15.88 12.71
N LEU F 51 5.90 15.12 11.76
CA LEU F 51 5.08 14.54 10.71
C LEU F 51 4.07 13.59 11.33
N ARG F 52 4.53 12.81 12.29
CA ARG F 52 3.67 11.90 13.03
C ARG F 52 2.55 12.66 13.72
N LEU F 53 2.92 13.76 14.39
CA LEU F 53 1.95 14.59 15.11
C LEU F 53 0.93 15.25 14.18
N THR F 54 1.39 15.64 12.99
CA THR F 54 0.53 16.27 12.00
C THR F 54 -0.47 15.26 11.46
N ARG F 55 0.00 14.04 11.22
CA ARG F 55 -0.90 12.99 10.74
C ARG F 55 -1.78 12.46 11.87
N LEU F 56 -1.56 12.98 13.07
CA LEU F 56 -2.43 12.69 14.21
C LEU F 56 -3.28 13.91 14.51
N GLN F 58 -4.50 16.09 11.90
CA GLN F 58 -5.53 16.10 10.86
C GLN F 58 -6.50 14.94 11.04
N ASP F 59 -6.09 13.95 11.83
CA ASP F 59 -6.98 12.88 12.25
C ASP F 59 -8.02 13.47 13.18
N LYS F 60 -7.63 14.53 13.88
CA LYS F 60 -8.55 15.28 14.73
C LYS F 60 -9.24 16.38 13.92
N GLU F 61 -8.57 16.90 12.90
CA GLU F 61 -9.11 17.99 12.05
C GLU F 61 -10.24 17.61 11.13
N GLU F 62 -10.06 16.54 10.36
CA GLU F 62 -11.12 16.05 9.49
C GLU F 62 -12.17 15.35 10.36
N ILE F 64 -13.00 17.32 13.14
CA ILE F 64 -13.64 18.57 13.53
C ILE F 64 -14.69 18.96 12.48
N GLY F 65 -14.50 18.44 11.26
CA GLY F 65 -15.45 18.69 10.19
C GLY F 65 -16.63 17.73 10.19
N LYS F 66 -16.44 16.56 10.80
CA LYS F 66 -17.51 15.57 10.90
C LYS F 66 -18.12 15.53 12.29
N ALA G 27 34.58 22.16 1.46
CA ALA G 27 34.88 21.66 2.80
C ALA G 27 35.87 22.57 3.52
N SER G 28 35.40 23.76 3.89
CA SER G 28 36.25 24.74 4.56
C SER G 28 36.16 24.60 6.08
N SER G 29 36.88 25.45 6.80
CA SER G 29 36.90 25.38 8.26
C SER G 29 35.74 26.14 8.90
N SER G 30 35.42 27.33 8.37
CA SER G 30 34.33 28.13 8.91
C SER G 30 32.99 27.65 8.38
N THR G 31 33.02 26.97 7.23
CA THR G 31 31.81 26.41 6.64
C THR G 31 31.20 25.37 7.57
N LEU G 32 32.03 24.56 8.20
CA LEU G 32 31.53 23.55 9.13
C LEU G 32 30.87 24.16 10.37
N GLU G 33 31.50 25.18 10.95
CA GLU G 33 30.92 25.86 12.11
C GLU G 33 29.62 26.57 11.76
N LYS G 34 29.60 27.27 10.63
CA LYS G 34 28.38 27.94 10.18
C LYS G 34 27.30 26.89 9.93
N ARG G 35 27.69 25.79 9.32
CA ARG G 35 26.81 24.64 9.11
C ARG G 35 26.19 24.19 10.41
N ILE G 36 27.01 24.13 11.45
CA ILE G 36 26.55 23.74 12.78
C ILE G 36 25.55 24.74 13.34
N GLU G 37 25.85 26.03 13.27
CA GLU G 37 24.91 27.06 13.71
C GLU G 37 23.57 26.94 12.98
N ASP G 38 23.64 26.79 11.65
CA ASP G 38 22.44 26.68 10.83
C ASP G 38 21.59 25.52 11.29
N LEU G 39 22.22 24.35 11.37
CA LEU G 39 21.55 23.12 11.79
C LEU G 39 20.93 23.27 13.18
N GLU G 40 21.67 23.87 14.11
CA GLU G 40 21.17 24.07 15.46
C GLU G 40 19.92 24.94 15.46
N LYS G 41 19.97 26.06 14.74
CA LYS G 41 18.80 26.93 14.66
C LYS G 41 17.61 26.19 14.04
N GLU G 42 17.88 25.37 13.03
CA GLU G 42 16.86 24.54 12.42
C GLU G 42 16.23 23.62 13.46
N VAL G 43 17.06 23.02 14.30
CA VAL G 43 16.62 22.15 15.38
C VAL G 43 15.70 22.92 16.35
N LEU G 44 16.17 24.07 16.83
CA LEU G 44 15.38 24.89 17.76
C LEU G 44 14.02 25.25 17.14
N ARG G 45 14.04 25.54 15.84
CA ARG G 45 12.83 25.91 15.11
C ARG G 45 11.87 24.73 15.03
N GLU G 46 12.43 23.55 14.79
CA GLU G 46 11.66 22.32 14.69
C GLU G 46 11.04 21.96 16.04
N ARG G 47 11.80 22.19 17.10
CA ARG G 47 11.32 21.95 18.47
C ARG G 47 10.19 22.92 18.79
N GLN G 48 10.33 24.14 18.29
CA GLN G 48 9.35 25.19 18.47
C GLN G 48 8.04 24.77 17.80
N GLU G 49 8.17 24.25 16.58
CA GLU G 49 7.03 23.73 15.82
C GLU G 49 6.38 22.55 16.54
N ASN G 50 7.21 21.66 17.08
CA ASN G 50 6.76 20.50 17.85
C ASN G 50 5.94 20.93 19.06
N LEU G 51 6.42 21.97 19.74
CA LEU G 51 5.71 22.53 20.88
C LEU G 51 4.37 23.11 20.46
N ARG G 52 4.36 23.80 19.32
CA ARG G 52 3.12 24.35 18.79
C ARG G 52 2.09 23.25 18.52
N LEU G 53 2.54 22.18 17.86
CA LEU G 53 1.66 21.08 17.49
C LEU G 53 1.14 20.36 18.73
N THR G 54 1.98 20.26 19.76
CA THR G 54 1.57 19.62 21.00
C THR G 54 0.55 20.47 21.76
N ARG G 55 0.79 21.78 21.80
CA ARG G 55 -0.12 22.72 22.45
C ARG G 55 -1.34 22.99 21.59
N LEU G 56 -1.36 22.36 20.42
CA LEU G 56 -2.52 22.43 19.54
C LEU G 56 -3.29 21.12 19.63
N GLN G 58 -4.04 19.34 22.46
CA GLN G 58 -5.06 19.48 23.50
C GLN G 58 -6.05 20.59 23.15
N ASP G 59 -5.66 21.45 22.21
CA ASP G 59 -6.59 22.41 21.64
C ASP G 59 -7.62 21.71 20.77
N LYS G 60 -7.22 20.57 20.19
CA LYS G 60 -8.15 19.80 19.37
C LYS G 60 -8.93 18.85 20.26
N GLU G 61 -8.33 18.50 21.39
CA GLU G 61 -8.97 17.63 22.37
C GLU G 61 -10.14 18.40 22.95
N GLU G 62 -9.87 19.66 23.29
CA GLU G 62 -10.90 20.56 23.79
C GLU G 62 -11.85 21.01 22.67
N ILE G 64 -12.88 19.26 19.78
CA ILE G 64 -13.84 18.21 19.42
C ILE G 64 -14.98 18.15 20.45
N GLY G 65 -14.70 18.62 21.66
CA GLY G 65 -15.70 18.68 22.71
C GLY G 65 -16.52 19.96 22.65
N LYS G 66 -15.94 21.01 22.06
CA LYS G 66 -16.64 22.28 21.90
C LYS G 66 -17.17 22.48 20.48
#